data_3DWD
#
_entry.id   3DWD
#
_cell.length_a   82.422
_cell.length_b   82.422
_cell.length_c   81.008
_cell.angle_alpha   90.000
_cell.angle_beta   90.000
_cell.angle_gamma   120.000
#
_symmetry.space_group_name_H-M   'P 6'
#
loop_
_entity.id
_entity.type
_entity.pdbx_description
1 polymer 'ADP-ribosylation factor GTPase-activating protein 1'
2 non-polymer 'ZINC ION'
3 non-polymer 'UNKNOWN ATOM OR ION'
4 water water
#
_entity_poly.entity_id   1
_entity_poly.type   'polypeptide(L)'
_entity_poly.pdbx_seq_one_letter_code
;MGSSHHHHHHSSGLVPRGSMASPRTRKVLKEVRVQDENNVCFECGAFNPQWVSVTYGIWICLECSGRHRGLGVHLSFVRS
VTMDKWKDIELEKMKAGGNAKFREFLESQEDYDPCWSLQEKYNSRAAALFRDKVVALAEGREWSLES
;
_entity_poly.pdbx_strand_id   A,B
#
loop_
_chem_comp.id
_chem_comp.type
_chem_comp.name
_chem_comp.formula
UNX non-polymer 'UNKNOWN ATOM OR ION' ?
ZN non-polymer 'ZINC ION' 'Zn 2'
#
# COMPACT_ATOMS: atom_id res chain seq x y z
N SER A 22 -36.08 -11.24 -10.76
CA SER A 22 -34.78 -11.78 -10.27
C SER A 22 -34.47 -13.23 -10.75
N PRO A 23 -35.47 -13.97 -11.30
CA PRO A 23 -35.16 -15.30 -11.86
C PRO A 23 -34.17 -15.32 -13.03
N ARG A 24 -34.38 -14.46 -14.04
CA ARG A 24 -33.41 -14.31 -15.15
C ARG A 24 -32.10 -13.88 -14.53
N THR A 25 -32.17 -12.80 -13.76
CA THR A 25 -31.04 -12.26 -13.03
C THR A 25 -30.28 -13.35 -12.29
N ARG A 26 -30.93 -14.01 -11.34
CA ARG A 26 -30.27 -15.00 -10.50
C ARG A 26 -29.38 -15.91 -11.35
N LYS A 27 -29.94 -16.44 -12.43
CA LYS A 27 -29.19 -17.32 -13.33
C LYS A 27 -27.90 -16.64 -13.81
N VAL A 28 -28.04 -15.54 -14.54
CA VAL A 28 -26.88 -14.89 -15.14
C VAL A 28 -25.86 -14.43 -14.07
N LEU A 29 -26.35 -13.86 -12.98
CA LEU A 29 -25.50 -13.48 -11.86
C LEU A 29 -24.62 -14.65 -11.37
N LYS A 30 -25.22 -15.81 -11.08
CA LYS A 30 -24.46 -16.99 -10.64
C LYS A 30 -23.54 -17.48 -11.77
N GLU A 31 -23.96 -17.28 -13.03
CA GLU A 31 -23.10 -17.61 -14.17
C GLU A 31 -21.83 -16.74 -14.13
N VAL A 32 -21.99 -15.48 -13.71
CA VAL A 32 -20.87 -14.53 -13.54
C VAL A 32 -20.01 -14.77 -12.26
N ARG A 33 -20.64 -15.10 -11.12
CA ARG A 33 -19.90 -15.45 -9.89
C ARG A 33 -18.75 -16.41 -10.18
N VAL A 34 -19.04 -17.39 -11.02
CA VAL A 34 -18.09 -18.46 -11.32
C VAL A 34 -16.83 -17.99 -12.06
N GLN A 35 -16.92 -16.87 -12.79
CA GLN A 35 -15.79 -16.35 -13.57
C GLN A 35 -14.69 -15.81 -12.61
N ASP A 36 -13.51 -15.56 -13.14
CA ASP A 36 -12.31 -15.51 -12.29
C ASP A 36 -12.39 -14.55 -11.09
N GLU A 37 -12.16 -15.13 -9.91
CA GLU A 37 -11.95 -14.42 -8.63
C GLU A 37 -13.18 -13.69 -8.12
N ASN A 38 -14.34 -13.95 -8.72
CA ASN A 38 -15.57 -13.27 -8.35
C ASN A 38 -16.15 -13.85 -7.07
N ASN A 39 -15.54 -14.93 -6.58
CA ASN A 39 -15.93 -15.49 -5.31
C ASN A 39 -15.22 -14.90 -4.09
N VAL A 40 -14.30 -13.97 -4.27
CA VAL A 40 -13.74 -13.27 -3.11
C VAL A 40 -13.83 -11.79 -3.29
N CYS A 41 -13.80 -11.06 -2.19
CA CYS A 41 -13.94 -9.62 -2.27
C CYS A 41 -12.78 -9.04 -3.05
N PHE A 42 -13.06 -8.12 -3.97
CA PHE A 42 -12.01 -7.50 -4.80
C PHE A 42 -10.95 -6.79 -3.98
N GLU A 43 -11.43 -6.10 -2.94
CA GLU A 43 -10.62 -5.19 -2.15
C GLU A 43 -9.79 -5.90 -1.12
N CYS A 44 -10.47 -6.63 -0.24
CA CYS A 44 -9.84 -7.23 0.93
C CYS A 44 -9.68 -8.72 0.81
N GLY A 45 -10.41 -9.36 -0.11
CA GLY A 45 -10.25 -10.80 -0.34
C GLY A 45 -11.18 -11.70 0.45
N ALA A 46 -12.13 -11.12 1.19
CA ALA A 46 -13.03 -11.95 2.01
C ALA A 46 -13.94 -12.86 1.15
N PHE A 47 -14.24 -14.03 1.67
CA PHE A 47 -15.08 -15.04 0.99
C PHE A 47 -16.55 -14.65 0.71
N ASN A 48 -17.06 -15.04 -0.46
CA ASN A 48 -18.50 -14.94 -0.82
C ASN A 48 -19.13 -13.54 -0.71
N PRO A 49 -18.63 -12.59 -1.51
CA PRO A 49 -19.12 -11.21 -1.46
C PRO A 49 -20.50 -11.13 -2.03
N GLN A 50 -21.42 -10.50 -1.31
CA GLN A 50 -22.80 -10.43 -1.76
C GLN A 50 -23.12 -9.15 -2.52
N TRP A 51 -22.12 -8.26 -2.63
CA TRP A 51 -22.31 -6.93 -3.18
C TRP A 51 -21.39 -6.73 -4.40
N VAL A 52 -21.72 -5.74 -5.21
CA VAL A 52 -21.04 -5.49 -6.46
C VAL A 52 -20.86 -4.02 -6.68
N SER A 53 -19.84 -3.66 -7.45
CA SER A 53 -19.78 -2.36 -8.06
C SER A 53 -19.99 -2.60 -9.51
N VAL A 54 -21.13 -2.13 -9.99
CA VAL A 54 -21.54 -2.31 -11.36
C VAL A 54 -20.58 -1.62 -12.34
N THR A 55 -20.05 -0.49 -11.90
CA THR A 55 -19.16 0.32 -12.68
C THR A 55 -17.98 -0.45 -13.24
N TYR A 56 -17.51 -1.47 -12.51
CA TYR A 56 -16.33 -2.27 -12.87
C TYR A 56 -16.60 -3.75 -13.06
N GLY A 57 -17.82 -4.19 -12.81
CA GLY A 57 -18.12 -5.61 -12.85
C GLY A 57 -17.49 -6.37 -11.67
N ILE A 58 -17.22 -5.67 -10.56
CA ILE A 58 -16.47 -6.27 -9.44
C ILE A 58 -17.41 -6.70 -8.28
N TRP A 59 -16.96 -7.72 -7.54
CA TRP A 59 -17.70 -8.25 -6.40
C TRP A 59 -17.01 -7.93 -5.11
N ILE A 60 -17.80 -7.50 -4.14
CA ILE A 60 -17.27 -6.86 -2.92
C ILE A 60 -18.12 -7.22 -1.70
N CYS A 61 -17.50 -7.29 -0.54
CA CYS A 61 -18.23 -7.71 0.65
C CYS A 61 -19.08 -6.56 1.17
N LEU A 62 -20.00 -6.93 2.05
CA LEU A 62 -20.92 -6.03 2.69
C LEU A 62 -20.20 -4.72 3.14
N GLU A 63 -19.17 -4.89 3.97
CA GLU A 63 -18.34 -3.78 4.46
C GLU A 63 -17.83 -2.93 3.30
N CYS A 64 -17.06 -3.51 2.41
CA CYS A 64 -16.56 -2.78 1.26
C CYS A 64 -17.64 -2.14 0.39
N SER A 65 -18.86 -2.68 0.39
CA SER A 65 -19.97 -2.06 -0.31
C SER A 65 -20.31 -0.69 0.28
N GLY A 66 -20.30 -0.66 1.61
CA GLY A 66 -20.49 0.59 2.29
C GLY A 66 -19.37 1.54 1.95
N ARG A 67 -18.16 1.01 1.87
CA ARG A 67 -17.01 1.81 1.47
C ARG A 67 -17.19 2.34 0.06
N HIS A 68 -17.67 1.50 -0.84
CA HIS A 68 -17.93 1.98 -2.19
C HIS A 68 -19.05 3.02 -2.31
N ARG A 69 -20.03 3.02 -1.41
CA ARG A 69 -21.08 4.06 -1.40
C ARG A 69 -20.45 5.37 -1.02
N GLY A 70 -19.41 5.30 -0.21
CA GLY A 70 -18.66 6.48 0.20
C GLY A 70 -17.94 7.20 -0.93
N LEU A 71 -17.50 6.48 -1.99
CA LEU A 71 -16.69 7.11 -3.06
C LEU A 71 -17.55 8.08 -3.88
N GLY A 72 -18.80 7.69 -4.07
CA GLY A 72 -19.73 8.51 -4.80
C GLY A 72 -20.08 7.76 -6.06
N VAL A 73 -21.36 7.81 -6.43
CA VAL A 73 -21.91 7.06 -7.55
C VAL A 73 -21.25 7.39 -8.92
N HIS A 74 -20.53 8.53 -9.01
CA HIS A 74 -19.69 8.85 -10.18
C HIS A 74 -18.41 7.99 -10.24
N LEU A 75 -18.00 7.41 -9.11
CA LEU A 75 -16.83 6.53 -9.09
C LEU A 75 -17.22 5.06 -8.91
N SER A 76 -18.34 4.79 -8.23
CA SER A 76 -18.75 3.43 -7.97
C SER A 76 -20.25 3.31 -7.77
N PHE A 77 -20.95 2.68 -8.71
CA PHE A 77 -22.37 2.33 -8.49
C PHE A 77 -22.58 0.90 -7.88
N VAL A 78 -23.05 0.89 -6.64
CA VAL A 78 -23.22 -0.28 -5.83
C VAL A 78 -24.66 -0.83 -5.85
N ARG A 79 -24.78 -2.14 -5.98
CA ARG A 79 -26.08 -2.78 -5.86
C ARG A 79 -25.86 -4.12 -5.12
N SER A 80 -26.95 -4.79 -4.73
CA SER A 80 -26.91 -6.06 -4.01
C SER A 80 -27.17 -7.20 -4.94
N VAL A 81 -26.58 -8.37 -4.65
CA VAL A 81 -26.99 -9.60 -5.30
C VAL A 81 -28.50 -9.88 -5.05
N THR A 82 -29.03 -9.46 -3.89
CA THR A 82 -30.46 -9.71 -3.51
C THR A 82 -31.44 -8.58 -3.88
N MET A 83 -30.91 -7.40 -4.23
CA MET A 83 -31.73 -6.21 -4.48
C MET A 83 -32.83 -6.47 -5.51
N TRP A 86 -33.08 -4.95 -10.80
CA TRP A 86 -31.90 -4.96 -11.66
C TRP A 86 -32.22 -4.68 -13.14
N LYS A 87 -31.34 -3.92 -13.80
CA LYS A 87 -31.52 -3.56 -15.20
C LYS A 87 -30.68 -4.42 -16.13
N ASP A 88 -31.13 -4.52 -17.37
CA ASP A 88 -30.38 -5.14 -18.46
C ASP A 88 -28.91 -4.63 -18.48
N ILE A 89 -28.74 -3.32 -18.56
CA ILE A 89 -27.42 -2.69 -18.67
C ILE A 89 -26.57 -2.94 -17.41
N GLU A 90 -27.15 -2.74 -16.23
CA GLU A 90 -26.44 -3.07 -15.01
C GLU A 90 -25.88 -4.51 -15.17
N LEU A 91 -26.71 -5.46 -15.63
CA LEU A 91 -26.26 -6.86 -15.75
C LEU A 91 -25.21 -7.06 -16.82
N GLU A 92 -25.30 -6.31 -17.91
CA GLU A 92 -24.34 -6.42 -18.99
C GLU A 92 -22.97 -5.96 -18.52
N LYS A 93 -22.96 -4.98 -17.63
CA LYS A 93 -21.70 -4.52 -17.13
C LYS A 93 -21.00 -5.60 -16.31
N MET A 94 -21.75 -6.49 -15.66
CA MET A 94 -21.13 -7.52 -14.83
C MET A 94 -20.43 -8.50 -15.75
N LYS A 95 -21.10 -8.86 -16.83
CA LYS A 95 -20.48 -9.73 -17.84
C LYS A 95 -19.14 -9.12 -18.39
N ALA A 96 -19.10 -7.81 -18.56
CA ALA A 96 -17.97 -7.15 -19.21
C ALA A 96 -16.77 -6.97 -18.28
N GLY A 97 -17.02 -6.85 -16.98
CA GLY A 97 -15.93 -6.68 -16.01
C GLY A 97 -15.57 -7.99 -15.32
N GLY A 98 -15.26 -7.93 -14.03
CA GLY A 98 -14.83 -9.12 -13.32
C GLY A 98 -13.70 -8.77 -12.40
N ASN A 99 -13.57 -9.49 -11.31
CA ASN A 99 -12.57 -9.15 -10.31
C ASN A 99 -11.20 -9.34 -10.94
N ALA A 100 -10.94 -10.49 -11.49
CA ALA A 100 -9.61 -10.78 -12.05
C ALA A 100 -9.34 -9.96 -13.29
N LYS A 101 -10.35 -9.75 -14.11
CA LYS A 101 -10.15 -8.95 -15.31
C LYS A 101 -9.72 -7.52 -14.93
N PHE A 102 -10.35 -6.97 -13.90
CA PHE A 102 -10.10 -5.57 -13.50
C PHE A 102 -8.70 -5.47 -12.86
N ARG A 103 -8.35 -6.49 -12.08
CA ARG A 103 -7.07 -6.51 -11.41
C ARG A 103 -5.98 -6.61 -12.45
N GLU A 104 -6.16 -7.54 -13.39
CA GLU A 104 -5.21 -7.76 -14.53
C GLU A 104 -4.97 -6.44 -15.28
N PHE A 105 -6.06 -5.82 -15.71
CA PHE A 105 -6.04 -4.53 -16.37
C PHE A 105 -5.27 -3.46 -15.59
N LEU A 106 -5.63 -3.29 -14.32
CA LEU A 106 -4.92 -2.39 -13.44
C LEU A 106 -3.44 -2.65 -13.38
N GLU A 107 -3.04 -3.90 -13.23
CA GLU A 107 -1.63 -4.22 -13.02
C GLU A 107 -0.78 -3.90 -14.22
N SER A 108 -1.40 -3.80 -15.37
CA SER A 108 -0.64 -3.57 -16.58
C SER A 108 -0.69 -2.11 -17.04
N GLN A 109 -1.35 -1.19 -16.32
CA GLN A 109 -1.19 0.24 -16.66
C GLN A 109 0.13 0.78 -16.09
N GLU A 110 0.74 1.70 -16.81
CA GLU A 110 2.02 2.28 -16.46
C GLU A 110 2.09 2.91 -15.05
N ASP A 111 1.00 3.53 -14.61
CA ASP A 111 0.97 4.24 -13.30
C ASP A 111 0.49 3.39 -12.14
N TYR A 112 0.16 2.12 -12.39
CA TYR A 112 -0.31 1.21 -11.34
C TYR A 112 0.50 1.32 -10.05
N ASP A 113 -0.20 1.49 -8.94
CA ASP A 113 0.39 1.40 -7.64
C ASP A 113 -0.41 0.42 -6.82
N PRO A 114 0.17 -0.74 -6.51
CA PRO A 114 -0.67 -1.72 -5.80
C PRO A 114 -0.96 -1.31 -4.34
N CYS A 115 -0.26 -0.27 -3.84
CA CYS A 115 -0.52 0.34 -2.53
C CYS A 115 -1.41 1.57 -2.59
N TRP A 116 -2.12 1.73 -3.70
CA TRP A 116 -3.13 2.78 -3.82
C TRP A 116 -4.14 2.66 -2.72
N SER A 117 -4.57 3.79 -2.17
CA SER A 117 -5.72 3.82 -1.30
C SER A 117 -6.98 3.67 -2.15
N LEU A 118 -8.11 3.52 -1.51
CA LEU A 118 -9.33 3.28 -2.21
C LEU A 118 -9.67 4.48 -3.07
N GLN A 119 -9.48 5.69 -2.57
CA GLN A 119 -9.71 6.88 -3.36
C GLN A 119 -8.74 7.10 -4.50
N GLU A 120 -7.45 6.82 -4.29
CA GLU A 120 -6.45 6.96 -5.36
C GLU A 120 -6.73 5.98 -6.49
N LYS A 121 -7.05 4.76 -6.08
CA LYS A 121 -7.33 3.71 -7.04
C LYS A 121 -8.44 4.14 -7.97
N TYR A 122 -9.58 4.49 -7.39
CA TYR A 122 -10.77 4.77 -8.19
C TYR A 122 -10.72 6.15 -8.82
N ASN A 123 -9.86 7.03 -8.32
CA ASN A 123 -9.62 8.30 -9.04
C ASN A 123 -8.47 8.21 -10.04
N SER A 124 -7.91 7.02 -10.25
CA SER A 124 -6.83 6.86 -11.23
C SER A 124 -7.33 6.80 -12.67
N ARG A 125 -6.42 7.11 -13.56
CA ARG A 125 -6.62 7.04 -14.97
C ARG A 125 -7.03 5.61 -15.37
N ALA A 126 -6.33 4.64 -14.78
CA ALA A 126 -6.54 3.23 -15.04
C ALA A 126 -8.00 2.85 -14.76
N ALA A 127 -8.50 3.27 -13.60
CA ALA A 127 -9.93 3.11 -13.25
C ALA A 127 -10.85 3.72 -14.27
N ALA A 128 -10.58 4.98 -14.65
CA ALA A 128 -11.38 5.63 -15.73
C ALA A 128 -11.42 4.76 -16.97
N LEU A 129 -10.25 4.31 -17.40
CA LEU A 129 -10.16 3.57 -18.65
C LEU A 129 -10.96 2.27 -18.56
N PHE A 130 -10.96 1.66 -17.38
CA PHE A 130 -11.68 0.39 -17.25
C PHE A 130 -13.22 0.60 -17.20
N ARG A 131 -13.69 1.65 -16.52
CA ARG A 131 -15.09 2.11 -16.61
C ARG A 131 -15.58 2.12 -18.04
N ASP A 132 -14.79 2.72 -18.92
CA ASP A 132 -15.20 2.92 -20.32
C ASP A 132 -15.10 1.69 -21.15
N LYS A 133 -14.10 0.85 -20.91
CA LYS A 133 -14.09 -0.48 -21.53
C LYS A 133 -15.41 -1.17 -21.17
N VAL A 134 -15.81 -1.05 -19.90
CA VAL A 134 -17.00 -1.75 -19.43
C VAL A 134 -18.28 -1.19 -20.12
N VAL A 135 -18.43 0.13 -20.16
CA VAL A 135 -19.59 0.79 -20.79
C VAL A 135 -19.69 0.46 -22.25
N ALA A 136 -18.59 0.58 -22.96
CA ALA A 136 -18.52 0.22 -24.38
C ALA A 136 -18.84 -1.26 -24.65
N LEU A 137 -18.23 -2.17 -23.89
CA LEU A 137 -18.56 -3.59 -23.99
C LEU A 137 -20.04 -3.82 -23.69
N ALA A 138 -20.57 -3.17 -22.65
CA ALA A 138 -21.98 -3.32 -22.27
C ALA A 138 -22.96 -2.93 -23.41
N GLU A 139 -22.67 -1.89 -24.18
CA GLU A 139 -23.61 -1.40 -25.22
C GLU A 139 -23.02 -1.45 -26.63
N SER B 22 32.22 17.71 15.91
CA SER B 22 31.62 17.10 14.69
C SER B 22 32.63 16.68 13.59
N PRO B 23 33.95 16.96 13.76
CA PRO B 23 34.93 16.39 12.82
C PRO B 23 35.13 14.87 12.98
N ARG B 24 35.51 14.44 14.20
CA ARG B 24 35.82 13.04 14.49
C ARG B 24 34.68 12.18 13.97
N THR B 25 33.46 12.71 14.15
CA THR B 25 32.23 12.02 13.80
C THR B 25 31.85 12.11 12.28
N ARG B 26 32.35 13.12 11.56
CA ARG B 26 32.13 13.21 10.12
C ARG B 26 32.65 11.95 9.46
N LYS B 27 33.92 11.64 9.72
CA LYS B 27 34.58 10.48 9.11
C LYS B 27 33.73 9.21 9.17
N VAL B 28 33.14 8.97 10.35
CA VAL B 28 32.41 7.74 10.63
C VAL B 28 31.16 7.63 9.77
N LEU B 29 30.42 8.74 9.72
CA LEU B 29 29.20 8.79 8.92
C LEU B 29 29.52 8.54 7.42
N LYS B 30 30.68 9.02 6.94
CA LYS B 30 31.12 8.73 5.56
C LYS B 30 31.28 7.21 5.33
N GLU B 31 31.97 6.52 6.24
CA GLU B 31 32.08 5.05 6.18
C GLU B 31 30.69 4.42 6.03
N VAL B 32 29.78 4.81 6.92
CA VAL B 32 28.41 4.27 6.97
C VAL B 32 27.58 4.70 5.75
N ARG B 33 27.73 5.95 5.33
CA ARG B 33 27.01 6.45 4.16
C ARG B 33 27.46 5.69 2.94
N VAL B 34 28.77 5.57 2.74
CA VAL B 34 29.31 4.89 1.56
C VAL B 34 29.10 3.38 1.59
N GLN B 35 28.09 2.92 2.33
CA GLN B 35 27.78 1.48 2.45
C GLN B 35 26.35 1.15 1.90
N ASP B 36 25.65 0.24 2.57
CA ASP B 36 24.54 -0.50 1.95
C ASP B 36 23.27 0.32 1.75
N GLU B 37 23.18 0.97 0.57
CA GLU B 37 21.99 1.80 0.19
C GLU B 37 21.76 2.97 1.12
N ASN B 38 22.82 3.42 1.77
CA ASN B 38 22.79 4.51 2.72
C ASN B 38 22.84 5.89 2.05
N ASN B 39 23.01 5.92 0.73
CA ASN B 39 22.95 7.18 -0.02
C ASN B 39 21.64 7.37 -0.84
N VAL B 40 20.61 6.59 -0.56
CA VAL B 40 19.26 6.91 -1.08
C VAL B 40 18.31 6.96 0.12
N CYS B 41 17.32 7.82 0.03
CA CYS B 41 16.34 7.90 1.10
C CYS B 41 15.63 6.56 1.25
N PHE B 42 15.61 6.04 2.48
CA PHE B 42 15.03 4.74 2.81
C PHE B 42 13.56 4.58 2.41
N GLU B 43 12.80 5.66 2.49
CA GLU B 43 11.36 5.63 2.23
C GLU B 43 11.07 5.84 0.77
N CYS B 44 11.66 6.88 0.19
CA CYS B 44 11.30 7.35 -1.15
C CYS B 44 12.42 7.28 -2.17
N GLY B 45 13.65 6.94 -1.75
CA GLY B 45 14.78 6.70 -2.68
C GLY B 45 15.54 7.91 -3.20
N ALA B 46 15.13 9.12 -2.78
CA ALA B 46 15.84 10.37 -3.16
C ALA B 46 17.32 10.27 -2.80
N PHE B 47 18.15 10.83 -3.66
CA PHE B 47 19.61 10.72 -3.59
C PHE B 47 20.20 11.60 -2.51
N ASN B 48 21.28 11.10 -1.89
CA ASN B 48 22.03 11.84 -0.92
C ASN B 48 21.15 12.31 0.22
N PRO B 49 20.43 11.37 0.84
CA PRO B 49 19.72 11.69 2.06
C PRO B 49 20.61 12.41 3.06
N GLN B 50 20.05 13.46 3.63
CA GLN B 50 20.77 14.41 4.48
C GLN B 50 20.36 14.25 5.94
N TRP B 51 19.41 13.35 6.20
CA TRP B 51 18.84 13.13 7.53
C TRP B 51 18.88 11.66 7.89
N VAL B 52 18.67 11.35 9.16
CA VAL B 52 18.70 9.96 9.62
C VAL B 52 17.57 9.74 10.61
N SER B 53 17.14 8.50 10.73
CA SER B 53 16.45 8.10 11.97
C SER B 53 17.42 7.26 12.73
N VAL B 54 18.00 7.83 13.78
CA VAL B 54 19.07 7.15 14.50
C VAL B 54 18.54 5.77 14.97
N THR B 55 17.35 5.80 15.53
CA THR B 55 16.60 4.62 15.92
C THR B 55 16.76 3.33 15.07
N TYR B 56 16.85 3.45 13.73
CA TYR B 56 16.93 2.28 12.80
C TYR B 56 18.17 2.34 11.94
N GLY B 57 19.11 3.24 12.28
CA GLY B 57 20.33 3.40 11.51
C GLY B 57 20.08 3.74 10.07
N ILE B 58 18.92 4.38 9.79
CA ILE B 58 18.46 4.64 8.41
C ILE B 58 18.66 6.08 8.00
N TRP B 59 18.85 6.29 6.70
CA TRP B 59 19.14 7.58 6.13
C TRP B 59 17.95 8.08 5.29
N ILE B 60 17.41 9.26 5.63
CA ILE B 60 16.21 9.81 4.97
C ILE B 60 16.43 11.21 4.46
N CYS B 61 15.50 11.67 3.60
CA CYS B 61 15.62 12.97 2.97
C CYS B 61 14.85 14.07 3.73
N LEU B 62 15.14 15.32 3.40
CA LEU B 62 14.55 16.48 4.04
C LEU B 62 13.05 16.32 4.25
N GLU B 63 12.35 15.92 3.19
CA GLU B 63 10.87 15.75 3.23
C GLU B 63 10.45 14.65 4.18
N CYS B 64 11.09 13.50 4.05
CA CYS B 64 10.71 12.36 4.85
C CYS B 64 11.03 12.53 6.34
N SER B 65 12.06 13.32 6.65
CA SER B 65 12.32 13.70 8.04
C SER B 65 11.12 14.44 8.62
N GLY B 66 10.56 15.40 7.87
CA GLY B 66 9.30 16.05 8.27
C GLY B 66 8.24 15.02 8.63
N ARG B 67 8.04 14.06 7.74
CA ARG B 67 7.05 13.01 7.98
C ARG B 67 7.40 12.15 9.20
N HIS B 68 8.67 11.84 9.38
CA HIS B 68 9.08 11.04 10.52
C HIS B 68 8.84 11.76 11.83
N ARG B 69 8.89 13.09 11.78
CA ARG B 69 8.83 13.87 12.98
C ARG B 69 7.44 13.81 13.57
N GLY B 70 6.48 13.38 12.77
CA GLY B 70 5.10 13.26 13.19
C GLY B 70 4.75 11.89 13.71
N LEU B 71 5.72 10.99 13.76
CA LEU B 71 5.51 9.64 14.33
C LEU B 71 5.65 9.55 15.85
N GLY B 72 6.56 10.35 16.42
CA GLY B 72 6.91 10.38 17.83
C GLY B 72 8.31 9.84 18.06
N VAL B 73 9.08 10.49 18.94
CA VAL B 73 10.48 10.11 19.22
C VAL B 73 10.67 8.68 19.74
N HIS B 74 9.65 8.11 20.36
CA HIS B 74 9.64 6.70 20.79
C HIS B 74 9.67 5.75 19.61
N LEU B 75 9.25 6.21 18.45
CA LEU B 75 9.23 5.42 17.25
C LEU B 75 10.29 5.87 16.29
N SER B 76 10.63 7.16 16.25
CA SER B 76 11.68 7.63 15.35
C SER B 76 12.37 8.89 15.81
N PHE B 77 13.70 8.79 15.99
CA PHE B 77 14.56 9.86 16.49
C PHE B 77 15.31 10.49 15.33
N VAL B 78 14.81 11.62 14.87
CA VAL B 78 15.24 12.23 13.60
C VAL B 78 16.25 13.36 13.77
N ARG B 79 17.45 13.16 13.22
CA ARG B 79 18.54 14.11 13.28
C ARG B 79 18.99 14.50 11.90
N SER B 80 19.83 15.54 11.86
CA SER B 80 20.55 15.95 10.68
C SER B 80 22.00 15.53 10.82
N VAL B 81 22.54 15.03 9.71
CA VAL B 81 23.96 14.70 9.59
C VAL B 81 24.91 15.88 9.88
N TRP B 86 25.95 15.25 18.36
CA TRP B 86 26.07 13.81 18.15
C TRP B 86 26.66 13.12 19.37
N LYS B 87 25.98 12.08 19.82
CA LYS B 87 26.37 11.27 20.96
C LYS B 87 26.91 9.94 20.45
N ASP B 88 27.92 9.42 21.13
CA ASP B 88 28.61 8.17 20.74
C ASP B 88 27.65 7.04 20.46
N ILE B 89 26.70 6.86 21.36
CA ILE B 89 25.73 5.79 21.28
C ILE B 89 24.84 6.00 20.04
N GLU B 90 24.69 7.25 19.61
CA GLU B 90 23.93 7.57 18.38
C GLU B 90 24.68 7.13 17.12
N LEU B 91 25.99 7.33 17.08
CA LEU B 91 26.80 6.79 15.98
C LEU B 91 26.82 5.26 15.99
N GLU B 92 26.91 4.69 17.19
CA GLU B 92 26.83 3.24 17.29
C GLU B 92 25.49 2.70 16.76
N LYS B 93 24.41 3.44 16.90
CA LYS B 93 23.16 2.99 16.33
C LYS B 93 23.21 3.05 14.81
N MET B 94 23.95 4.01 14.28
CA MET B 94 24.10 4.17 12.83
C MET B 94 24.93 3.04 12.25
N LYS B 95 25.95 2.63 12.97
CA LYS B 95 26.78 1.51 12.53
C LYS B 95 25.97 0.22 12.60
N ALA B 96 25.13 0.13 13.63
CA ALA B 96 24.40 -1.07 13.93
C ALA B 96 23.26 -1.34 12.94
N GLY B 97 22.58 -0.28 12.51
CA GLY B 97 21.44 -0.45 11.61
C GLY B 97 21.86 -0.17 10.19
N GLY B 98 20.89 0.12 9.32
CA GLY B 98 21.17 0.52 7.93
C GLY B 98 19.94 0.40 7.02
N ASN B 99 20.00 1.13 5.90
CA ASN B 99 18.88 1.12 4.97
C ASN B 99 18.57 -0.29 4.43
N ALA B 100 19.54 -0.90 3.75
CA ALA B 100 19.34 -2.23 3.23
C ALA B 100 19.00 -3.21 4.35
N LYS B 101 19.75 -3.16 5.45
CA LYS B 101 19.53 -4.06 6.61
C LYS B 101 18.11 -3.97 7.20
N PHE B 102 17.64 -2.76 7.42
CA PHE B 102 16.30 -2.61 7.91
C PHE B 102 15.26 -3.13 6.89
N ARG B 103 15.36 -2.73 5.63
CA ARG B 103 14.45 -3.26 4.60
C ARG B 103 14.48 -4.78 4.48
N GLU B 104 15.68 -5.35 4.54
CA GLU B 104 15.81 -6.80 4.45
C GLU B 104 15.06 -7.39 5.61
N PHE B 105 15.28 -6.81 6.80
CA PHE B 105 14.67 -7.31 8.03
C PHE B 105 13.14 -7.29 7.95
N LEU B 106 12.57 -6.11 7.68
CA LEU B 106 11.11 -5.94 7.50
C LEU B 106 10.51 -6.92 6.49
N GLU B 107 11.17 -7.13 5.36
CA GLU B 107 10.65 -8.05 4.35
C GLU B 107 10.49 -9.55 4.78
N SER B 108 11.19 -9.97 5.85
CA SER B 108 11.09 -11.38 6.30
C SER B 108 10.07 -11.61 7.43
N GLN B 109 9.41 -10.56 7.93
CA GLN B 109 8.40 -10.68 9.01
C GLN B 109 7.02 -11.08 8.44
N GLU B 110 6.32 -12.02 9.06
CA GLU B 110 5.11 -12.60 8.43
C GLU B 110 3.95 -11.61 8.23
N ASP B 111 3.80 -10.70 9.18
CA ASP B 111 2.81 -9.62 9.10
C ASP B 111 3.44 -8.35 8.45
N TYR B 112 4.44 -8.57 7.60
CA TYR B 112 4.96 -7.49 6.80
C TYR B 112 3.97 -7.12 5.68
N ASP B 113 3.72 -5.81 5.52
CA ASP B 113 2.81 -5.29 4.52
C ASP B 113 3.52 -4.20 3.73
N PRO B 114 3.76 -4.44 2.45
CA PRO B 114 4.47 -3.47 1.64
C PRO B 114 3.66 -2.19 1.41
N CYS B 115 2.39 -2.20 1.80
CA CYS B 115 1.50 -1.06 1.66
C CYS B 115 1.15 -0.41 2.99
N TRP B 116 1.96 -0.66 4.01
CA TRP B 116 1.79 0.03 5.28
C TRP B 116 1.91 1.53 5.04
N SER B 117 1.13 2.34 5.76
CA SER B 117 1.42 3.78 5.86
C SER B 117 2.64 3.91 6.79
N LEU B 118 3.22 5.10 6.84
CA LEU B 118 4.39 5.38 7.73
C LEU B 118 4.00 5.00 9.16
N GLN B 119 2.85 5.50 9.58
CA GLN B 119 2.30 5.21 10.88
C GLN B 119 2.24 3.69 11.17
N GLU B 120 1.61 2.93 10.29
CA GLU B 120 1.41 1.50 10.56
C GLU B 120 2.78 0.80 10.67
N LYS B 121 3.64 1.12 9.72
CA LYS B 121 4.99 0.56 9.65
C LYS B 121 5.80 0.75 10.91
N TYR B 122 5.85 1.98 11.37
CA TYR B 122 6.68 2.27 12.51
C TYR B 122 6.00 1.88 13.81
N ASN B 123 4.67 1.70 13.80
CA ASN B 123 3.96 1.20 14.97
C ASN B 123 3.88 -0.30 14.98
N SER B 124 4.47 -0.97 13.99
CA SER B 124 4.37 -2.45 13.85
C SER B 124 5.30 -3.20 14.78
N ARG B 125 4.97 -4.46 15.04
CA ARG B 125 5.86 -5.41 15.68
C ARG B 125 7.27 -5.40 15.07
N ALA B 126 7.35 -5.42 13.74
CA ALA B 126 8.64 -5.50 13.00
C ALA B 126 9.61 -4.37 13.39
N ALA B 127 9.09 -3.16 13.30
CA ALA B 127 9.83 -1.96 13.66
C ALA B 127 10.31 -2.01 15.11
N ALA B 128 9.42 -2.33 16.03
CA ALA B 128 9.81 -2.44 17.46
C ALA B 128 10.98 -3.39 17.62
N LEU B 129 10.94 -4.48 16.88
CA LEU B 129 11.93 -5.55 17.05
C LEU B 129 13.33 -5.13 16.54
N PHE B 130 13.33 -4.37 15.47
CA PHE B 130 14.56 -3.88 14.92
C PHE B 130 15.16 -2.78 15.81
N ARG B 131 14.31 -1.91 16.36
CA ARG B 131 14.72 -0.92 17.42
C ARG B 131 15.48 -1.60 18.54
N ASP B 132 14.80 -2.56 19.15
CA ASP B 132 15.40 -3.37 20.20
C ASP B 132 16.76 -3.94 19.74
N LYS B 133 16.77 -4.52 18.54
CA LYS B 133 18.00 -5.03 17.91
C LYS B 133 19.02 -3.94 17.79
N VAL B 134 18.64 -2.74 17.35
CA VAL B 134 19.64 -1.72 17.09
C VAL B 134 20.26 -1.28 18.42
N VAL B 135 19.44 -1.06 19.44
CA VAL B 135 19.92 -0.78 20.79
C VAL B 135 20.83 -1.90 21.31
N ALA B 136 20.37 -3.14 21.23
CA ALA B 136 21.14 -4.24 21.83
C ALA B 136 22.54 -4.30 21.21
N LEU B 137 22.62 -4.19 19.88
CA LEU B 137 23.92 -4.13 19.16
C LEU B 137 24.82 -2.90 19.53
N ALA B 138 24.24 -1.70 19.61
CA ALA B 138 25.02 -0.49 19.95
C ALA B 138 25.66 -0.60 21.34
N GLU B 139 24.86 -1.04 22.30
CA GLU B 139 25.40 -1.49 23.57
C GLU B 139 26.17 -2.78 23.38
ZN ZN C . -14.09 -6.57 1.33
UNK UNX D . -19.87 -9.90 1.93
ZN ZN E . 12.45 10.53 1.08
UNK UNX F . 18.02 15.15 1.87
#